data_2L4G
#
_entry.id   2L4G
#
_cell.length_a   1.000
_cell.length_b   1.000
_cell.length_c   1.000
_cell.angle_alpha   90.00
_cell.angle_beta   90.00
_cell.angle_gamma   90.00
#
_symmetry.space_group_name_H-M   'P 1'
#
_entity_poly.entity_id   1
_entity_poly.type   'polypeptide(L)'
_entity_poly.pdbx_seq_one_letter_code
;GLFGAIAGFIENAWEGMIDGGCGKKKK
;
_entity_poly.pdbx_strand_id   A
#
# COMPACT_ATOMS: atom_id res chain seq x y z
N GLY A 1 -10.30 -6.09 9.79
CA GLY A 1 -8.90 -6.48 9.84
C GLY A 1 -8.23 -6.29 8.48
N LEU A 2 -9.04 -6.37 7.44
CA LEU A 2 -8.53 -6.20 6.09
C LEU A 2 -8.27 -4.71 5.83
N PHE A 3 -9.27 -3.90 6.13
CA PHE A 3 -9.17 -2.47 5.93
C PHE A 3 -7.95 -1.91 6.68
N GLY A 4 -7.52 -2.64 7.69
CA GLY A 4 -6.38 -2.23 8.48
C GLY A 4 -5.07 -2.76 7.88
N ALA A 5 -5.21 -3.80 7.07
CA ALA A 5 -4.05 -4.40 6.43
C ALA A 5 -3.70 -3.60 5.17
N ILE A 6 -4.72 -2.96 4.61
CA ILE A 6 -4.53 -2.16 3.42
C ILE A 6 -3.27 -1.30 3.57
N ALA A 7 -3.15 -0.71 4.75
CA ALA A 7 -2.00 0.14 5.05
C ALA A 7 -0.73 -0.57 4.60
N GLY A 8 -0.66 -1.86 4.91
CA GLY A 8 0.50 -2.66 4.55
C GLY A 8 0.63 -2.78 3.03
N PHE A 9 -0.51 -2.74 2.37
CA PHE A 9 -0.55 -2.85 0.92
C PHE A 9 -0.15 -1.54 0.26
N ILE A 10 -0.36 -0.46 1.00
CA ILE A 10 -0.03 0.86 0.51
C ILE A 10 1.44 0.92 0.13
N GLU A 11 2.22 0.09 0.80
CA GLU A 11 3.65 0.02 0.54
C GLU A 11 3.91 -0.39 -0.91
N ASN A 12 2.90 -1.01 -1.51
CA ASN A 12 3.01 -1.46 -2.88
C ASN A 12 2.05 -0.66 -3.75
N ALA A 13 0.91 -0.32 -3.17
CA ALA A 13 -0.10 0.45 -3.88
C ALA A 13 0.33 1.91 -3.95
N TRP A 14 1.32 2.24 -3.13
CA TRP A 14 1.84 3.59 -3.09
C TRP A 14 3.15 3.63 -3.88
N GLU A 15 4.20 3.11 -3.26
CA GLU A 15 5.50 3.07 -3.89
C GLU A 15 5.36 2.76 -5.38
N GLY A 16 4.37 1.94 -5.70
CA GLY A 16 4.12 1.55 -7.07
C GLY A 16 3.68 2.76 -7.91
N MET A 17 2.64 3.43 -7.41
CA MET A 17 2.12 4.60 -8.10
C MET A 17 3.12 5.76 -8.04
N ILE A 18 4.16 5.57 -7.25
CA ILE A 18 5.17 6.60 -7.09
C ILE A 18 6.35 6.28 -8.03
N ASP A 19 6.52 4.99 -8.30
CA ASP A 19 7.59 4.54 -9.16
C ASP A 19 8.89 5.26 -8.77
N GLY A 20 9.43 4.86 -7.63
CA GLY A 20 10.66 5.45 -7.13
C GLY A 20 10.91 5.04 -5.69
N GLY A 1 -10.73 -6.44 9.03
CA GLY A 1 -9.33 -6.80 9.20
C GLY A 1 -8.55 -6.55 7.92
N LEU A 2 -9.26 -6.62 6.80
CA LEU A 2 -8.64 -6.41 5.50
C LEU A 2 -8.39 -4.91 5.30
N PHE A 3 -9.45 -4.14 5.54
CA PHE A 3 -9.36 -2.69 5.39
C PHE A 3 -8.24 -2.12 6.25
N GLY A 4 -7.88 -2.88 7.28
CA GLY A 4 -6.82 -2.46 8.19
C GLY A 4 -5.45 -2.92 7.69
N ALA A 5 -5.48 -3.95 6.85
CA ALA A 5 -4.26 -4.50 6.30
C ALA A 5 -3.82 -3.66 5.10
N ILE A 6 -4.80 -3.03 4.46
CA ILE A 6 -4.53 -2.20 3.30
C ILE A 6 -3.31 -1.31 3.60
N ALA A 7 -3.31 -0.74 4.80
CA ALA A 7 -2.22 0.12 5.21
C ALA A 7 -0.89 -0.54 4.88
N GLY A 8 -0.82 -1.83 5.15
CA GLY A 8 0.39 -2.59 4.89
C GLY A 8 0.66 -2.67 3.37
N PHE A 9 -0.42 -2.65 2.61
CA PHE A 9 -0.32 -2.72 1.17
C PHE A 9 0.09 -1.37 0.57
N ILE A 10 -0.21 -0.32 1.32
CA ILE A 10 0.12 1.03 0.89
C ILE A 10 1.63 1.14 0.65
N GLU A 11 2.36 0.30 1.37
CA GLU A 11 3.81 0.28 1.23
C GLU A 11 4.21 -0.08 -0.19
N ASN A 12 3.28 -0.72 -0.89
CA ASN A 12 3.52 -1.13 -2.27
C ASN A 12 2.62 -0.32 -3.20
N ALA A 13 1.43 -0.03 -2.71
CA ALA A 13 0.46 0.73 -3.49
C ALA A 13 0.86 2.20 -3.48
N TRP A 14 1.76 2.53 -2.58
CA TRP A 14 2.23 3.90 -2.46
C TRP A 14 3.60 3.99 -3.12
N GLU A 15 4.61 3.48 -2.41
CA GLU A 15 5.97 3.49 -2.93
C GLU A 15 5.97 3.22 -4.43
N GLY A 16 5.12 2.27 -4.83
CA GLY A 16 5.03 1.91 -6.23
C GLY A 16 4.46 3.06 -7.06
N MET A 17 3.38 3.64 -6.56
CA MET A 17 2.73 4.75 -7.24
C MET A 17 3.62 5.99 -7.23
N ILE A 18 4.71 5.90 -6.47
CA ILE A 18 5.65 7.00 -6.37
C ILE A 18 6.77 6.80 -7.38
N ASP A 19 7.06 5.54 -7.67
CA ASP A 19 8.10 5.21 -8.62
C ASP A 19 7.47 4.61 -9.88
N GLY A 20 8.30 3.94 -10.66
CA GLY A 20 7.84 3.32 -11.88
C GLY A 20 6.99 2.08 -11.59
N GLY A 1 -10.76 -6.43 8.99
CA GLY A 1 -9.36 -6.79 9.15
C GLY A 1 -8.57 -6.53 7.87
N LEU A 2 -9.28 -6.60 6.75
CA LEU A 2 -8.66 -6.37 5.46
C LEU A 2 -8.40 -4.87 5.27
N PHE A 3 -9.45 -4.10 5.51
CA PHE A 3 -9.36 -2.65 5.37
C PHE A 3 -8.23 -2.09 6.24
N GLY A 4 -7.88 -2.86 7.26
CA GLY A 4 -6.83 -2.45 8.18
C GLY A 4 -5.46 -2.93 7.68
N ALA A 5 -5.50 -3.94 6.83
CA ALA A 5 -4.27 -4.50 6.28
C ALA A 5 -3.82 -3.65 5.08
N ILE A 6 -4.80 -3.02 4.44
CA ILE A 6 -4.51 -2.18 3.30
C ILE A 6 -3.30 -1.29 3.60
N ALA A 7 -3.30 -0.74 4.80
CA ALA A 7 -2.20 0.12 5.23
C ALA A 7 -0.87 -0.55 4.89
N GLY A 8 -0.81 -1.85 5.16
CA GLY A 8 0.40 -2.61 4.88
C GLY A 8 0.66 -2.69 3.38
N PHE A 9 -0.41 -2.65 2.61
CA PHE A 9 -0.30 -2.72 1.16
C PHE A 9 0.12 -1.36 0.58
N ILE A 10 -0.18 -0.31 1.34
CA ILE A 10 0.16 1.03 0.91
C ILE A 10 1.67 1.12 0.67
N GLU A 11 2.39 0.28 1.39
CA GLU A 11 3.85 0.25 1.26
C GLU A 11 4.24 -0.10 -0.18
N ASN A 12 3.31 -0.73 -0.88
CA ASN A 12 3.55 -1.13 -2.25
C ASN A 12 2.66 -0.31 -3.19
N ALA A 13 1.46 -0.03 -2.70
CA ALA A 13 0.50 0.75 -3.46
C ALA A 13 0.91 2.22 -3.45
N TRP A 14 1.82 2.54 -2.55
CA TRP A 14 2.30 3.90 -2.41
C TRP A 14 3.67 3.99 -3.08
N GLU A 15 4.67 3.46 -2.37
CA GLU A 15 6.03 3.48 -2.88
C GLU A 15 6.04 3.21 -4.39
N GLY A 16 5.21 2.25 -4.80
CA GLY A 16 5.11 1.89 -6.20
C GLY A 16 4.47 3.02 -7.01
N MET A 17 3.38 3.54 -6.46
CA MET A 17 2.65 4.61 -7.12
C MET A 17 3.49 5.89 -7.16
N ILE A 18 4.61 5.85 -6.44
CA ILE A 18 5.51 7.00 -6.39
C ILE A 18 6.59 6.84 -7.45
N ASP A 19 6.97 5.59 -7.69
CA ASP A 19 8.00 5.30 -8.66
C ASP A 19 7.34 4.72 -9.93
N GLY A 20 8.15 4.01 -10.71
CA GLY A 20 7.66 3.40 -11.93
C GLY A 20 7.28 1.94 -11.70
N GLY A 1 -10.81 -6.32 8.97
CA GLY A 1 -9.41 -6.65 9.20
C GLY A 1 -8.59 -6.44 7.92
N LEU A 2 -9.26 -6.57 6.79
CA LEU A 2 -8.62 -6.39 5.50
C LEU A 2 -8.38 -4.89 5.26
N PHE A 3 -9.45 -4.13 5.43
CA PHE A 3 -9.38 -2.69 5.23
C PHE A 3 -8.28 -2.07 6.10
N GLY A 4 -7.95 -2.78 7.17
CA GLY A 4 -6.92 -2.31 8.08
C GLY A 4 -5.53 -2.79 7.65
N ALA A 5 -5.53 -3.84 6.84
CA ALA A 5 -4.28 -4.40 6.34
C ALA A 5 -3.82 -3.60 5.13
N ILE A 6 -4.79 -3.01 4.44
CA ILE A 6 -4.50 -2.21 3.26
C ILE A 6 -3.30 -1.29 3.55
N ALA A 7 -3.34 -0.69 4.73
CA ALA A 7 -2.27 0.20 5.14
C ALA A 7 -0.92 -0.45 4.86
N GLY A 8 -0.84 -1.73 5.19
CA GLY A 8 0.38 -2.48 4.98
C GLY A 8 0.69 -2.62 3.49
N PHE A 9 -0.37 -2.64 2.70
CA PHE A 9 -0.22 -2.76 1.26
C PHE A 9 0.18 -1.43 0.63
N ILE A 10 -0.15 -0.35 1.32
CA ILE A 10 0.18 0.98 0.85
C ILE A 10 1.69 1.09 0.64
N GLU A 11 2.42 0.29 1.41
CA GLU A 11 3.87 0.29 1.32
C GLU A 11 4.31 -0.13 -0.08
N ASN A 12 3.40 -0.80 -0.78
CA ASN A 12 3.69 -1.26 -2.14
C ASN A 12 2.80 -0.50 -3.12
N ALA A 13 1.58 -0.21 -2.67
CA ALA A 13 0.64 0.51 -3.50
C ALA A 13 1.01 1.99 -3.55
N TRP A 14 1.89 2.37 -2.62
CA TRP A 14 2.34 3.74 -2.56
C TRP A 14 3.74 3.82 -3.19
N GLU A 15 4.72 3.35 -2.44
CA GLU A 15 6.10 3.36 -2.91
C GLU A 15 6.14 3.03 -4.40
N GLY A 16 5.26 2.13 -4.80
CA GLY A 16 5.19 1.72 -6.20
C GLY A 16 4.60 2.83 -7.06
N MET A 17 3.47 3.35 -6.60
CA MET A 17 2.80 4.42 -7.33
C MET A 17 3.63 5.70 -7.34
N ILE A 18 4.69 5.67 -6.55
CA ILE A 18 5.58 6.83 -6.45
C ILE A 18 6.76 6.63 -7.40
N ASP A 19 7.19 5.39 -7.52
CA ASP A 19 8.30 5.05 -8.39
C ASP A 19 7.83 5.06 -9.85
N GLY A 20 6.81 4.27 -10.11
CA GLY A 20 6.25 4.18 -11.44
C GLY A 20 7.12 3.29 -12.34
N GLY A 1 -10.86 -6.30 9.04
CA GLY A 1 -9.45 -6.58 9.30
C GLY A 1 -8.61 -6.40 8.03
N LEU A 2 -9.26 -6.59 6.90
CA LEU A 2 -8.59 -6.45 5.61
C LEU A 2 -8.39 -4.97 5.30
N PHE A 3 -9.48 -4.21 5.43
CA PHE A 3 -9.44 -2.79 5.17
C PHE A 3 -8.38 -2.10 6.03
N GLY A 4 -8.04 -2.76 7.14
CA GLY A 4 -7.05 -2.23 8.05
C GLY A 4 -5.65 -2.68 7.66
N ALA A 5 -5.60 -3.77 6.90
CA ALA A 5 -4.32 -4.32 6.46
C ALA A 5 -3.86 -3.55 5.21
N ILE A 6 -4.82 -3.02 4.48
CA ILE A 6 -4.53 -2.27 3.28
C ILE A 6 -3.37 -1.31 3.55
N ALA A 7 -3.44 -0.66 4.71
CA ALA A 7 -2.41 0.29 5.10
C ALA A 7 -1.04 -0.35 4.87
N GLY A 8 -0.93 -1.62 5.25
CA GLY A 8 0.31 -2.35 5.10
C GLY A 8 0.66 -2.55 3.63
N PHE A 9 -0.38 -2.62 2.81
CA PHE A 9 -0.20 -2.80 1.39
C PHE A 9 0.19 -1.48 0.71
N ILE A 10 -0.18 -0.40 1.35
CA ILE A 10 0.12 0.92 0.83
C ILE A 10 1.64 1.06 0.64
N GLU A 11 2.37 0.32 1.46
CA GLU A 11 3.81 0.34 1.41
C GLU A 11 4.30 -0.12 0.02
N ASN A 12 3.43 -0.84 -0.66
CA ASN A 12 3.75 -1.34 -1.98
C ASN A 12 2.87 -0.65 -3.02
N ALA A 13 1.63 -0.37 -2.61
CA ALA A 13 0.69 0.28 -3.50
C ALA A 13 1.03 1.77 -3.60
N TRP A 14 1.88 2.21 -2.67
CA TRP A 14 2.30 3.60 -2.64
C TRP A 14 3.70 3.69 -3.25
N GLU A 15 4.68 3.27 -2.46
CA GLU A 15 6.06 3.29 -2.91
C GLU A 15 6.15 2.90 -4.38
N GLY A 16 5.26 2.00 -4.78
CA GLY A 16 5.22 1.53 -6.15
C GLY A 16 4.76 2.64 -7.09
N MET A 17 3.63 3.24 -6.74
CA MET A 17 3.06 4.31 -7.55
C MET A 17 3.95 5.55 -7.50
N ILE A 18 4.94 5.50 -6.64
CA ILE A 18 5.88 6.61 -6.49
C ILE A 18 7.05 6.41 -7.46
N ASP A 19 7.38 5.16 -7.68
CA ASP A 19 8.47 4.82 -8.58
C ASP A 19 8.11 5.23 -10.00
N GLY A 20 7.19 4.48 -10.58
CA GLY A 20 6.74 4.76 -11.94
C GLY A 20 5.36 5.43 -11.94
N GLY A 1 -10.78 -6.38 9.15
CA GLY A 1 -9.38 -6.72 9.34
C GLY A 1 -8.59 -6.49 8.05
N LEU A 2 -9.29 -6.60 6.93
CA LEU A 2 -8.65 -6.41 5.64
C LEU A 2 -8.43 -4.92 5.40
N PHE A 3 -9.48 -4.15 5.61
CA PHE A 3 -9.41 -2.71 5.43
C PHE A 3 -8.30 -2.11 6.28
N GLY A 4 -7.94 -2.83 7.33
CA GLY A 4 -6.90 -2.37 8.23
C GLY A 4 -5.52 -2.85 7.77
N ALA A 5 -5.54 -3.89 6.94
CA ALA A 5 -4.31 -4.45 6.42
C ALA A 5 -3.86 -3.64 5.20
N ILE A 6 -4.84 -3.04 4.54
CA ILE A 6 -4.56 -2.24 3.36
C ILE A 6 -3.36 -1.33 3.65
N ALA A 7 -3.37 -0.73 4.82
CA ALA A 7 -2.29 0.16 5.22
C ALA A 7 -0.95 -0.51 4.91
N GLY A 8 -0.87 -1.80 5.23
CA GLY A 8 0.34 -2.55 4.99
C GLY A 8 0.62 -2.68 3.49
N PHE A 9 -0.45 -2.68 2.71
CA PHE A 9 -0.34 -2.79 1.27
C PHE A 9 0.07 -1.46 0.65
N ILE A 10 -0.24 -0.38 1.36
CA ILE A 10 0.08 0.94 0.90
C ILE A 10 1.59 1.04 0.66
N GLU A 11 2.33 0.24 1.40
CA GLU A 11 3.78 0.22 1.29
C GLU A 11 4.19 -0.18 -0.12
N ASN A 12 3.27 -0.83 -0.81
CA ASN A 12 3.53 -1.28 -2.17
C ASN A 12 2.62 -0.51 -3.13
N ALA A 13 1.43 -0.21 -2.66
CA ALA A 13 0.46 0.52 -3.47
C ALA A 13 0.85 1.99 -3.50
N TRP A 14 1.74 2.36 -2.60
CA TRP A 14 2.21 3.73 -2.51
C TRP A 14 3.59 3.80 -3.18
N GLU A 15 4.58 3.32 -2.45
CA GLU A 15 5.95 3.33 -2.95
C GLU A 15 5.97 3.01 -4.44
N GLY A 16 5.04 2.15 -4.85
CA GLY A 16 4.94 1.76 -6.25
C GLY A 16 4.42 2.92 -7.10
N MET A 17 3.33 3.50 -6.65
CA MET A 17 2.73 4.61 -7.37
C MET A 17 3.63 5.86 -7.31
N ILE A 18 4.66 5.75 -6.49
CA ILE A 18 5.59 6.86 -6.33
C ILE A 18 6.74 6.70 -7.33
N ASP A 19 7.04 5.44 -7.65
CA ASP A 19 8.09 5.14 -8.60
C ASP A 19 7.49 4.94 -9.99
N GLY A 20 8.38 4.70 -10.95
CA GLY A 20 7.94 4.50 -12.32
C GLY A 20 8.74 3.37 -12.98
N GLY A 1 -10.38 -6.16 9.62
CA GLY A 1 -8.98 -6.58 9.65
C GLY A 1 -8.30 -6.35 8.29
N LEU A 2 -9.12 -6.36 7.25
CA LEU A 2 -8.62 -6.15 5.90
C LEU A 2 -8.31 -4.66 5.72
N PHE A 3 -9.29 -3.84 6.06
CA PHE A 3 -9.14 -2.40 5.92
C PHE A 3 -7.93 -1.90 6.69
N GLY A 4 -7.51 -2.69 7.67
CA GLY A 4 -6.35 -2.35 8.48
C GLY A 4 -5.06 -2.88 7.85
N ALA A 5 -5.23 -3.88 6.99
CA ALA A 5 -4.09 -4.49 6.32
C ALA A 5 -3.72 -3.64 5.10
N ILE A 6 -4.71 -2.95 4.57
CA ILE A 6 -4.51 -2.10 3.40
C ILE A 6 -3.23 -1.29 3.60
N ALA A 7 -3.08 -0.75 4.80
CA ALA A 7 -1.92 0.05 5.12
C ALA A 7 -0.65 -0.67 4.65
N GLY A 8 -0.63 -1.97 4.89
CA GLY A 8 0.51 -2.78 4.50
C GLY A 8 0.63 -2.86 2.98
N PHE A 9 -0.52 -2.76 2.32
CA PHE A 9 -0.54 -2.80 0.87
C PHE A 9 -0.12 -1.47 0.27
N ILE A 10 -0.30 -0.41 1.06
CA ILE A 10 0.06 0.92 0.62
C ILE A 10 1.54 0.94 0.23
N GLU A 11 2.30 0.06 0.86
CA GLU A 11 3.72 -0.03 0.59
C GLU A 11 3.97 -0.38 -0.87
N ASN A 12 2.95 -0.96 -1.49
CA ASN A 12 3.03 -1.35 -2.88
C ASN A 12 2.10 -0.48 -3.71
N ALA A 13 0.96 -0.14 -3.12
CA ALA A 13 -0.02 0.68 -3.79
C ALA A 13 0.46 2.14 -3.80
N TRP A 14 1.45 2.40 -2.97
CA TRP A 14 2.01 3.75 -2.88
C TRP A 14 3.31 3.77 -3.67
N GLU A 15 4.35 3.19 -3.06
CA GLU A 15 5.65 3.15 -3.70
C GLU A 15 5.51 2.90 -5.20
N GLY A 16 4.53 2.07 -5.54
CA GLY A 16 4.27 1.75 -6.93
C GLY A 16 3.63 2.93 -7.66
N MET A 17 2.59 3.47 -7.04
CA MET A 17 1.88 4.60 -7.62
C MET A 17 2.76 5.85 -7.64
N ILE A 18 3.90 5.73 -6.98
CA ILE A 18 4.85 6.84 -6.91
C ILE A 18 5.95 6.63 -7.95
N ASP A 19 6.25 5.37 -8.19
CA ASP A 19 7.29 5.03 -9.16
C ASP A 19 8.66 5.36 -8.58
N GLY A 20 9.33 4.31 -8.11
CA GLY A 20 10.65 4.46 -7.53
C GLY A 20 11.54 3.26 -7.85
N GLY A 1 -10.71 -6.47 8.94
CA GLY A 1 -9.31 -6.81 9.12
C GLY A 1 -8.52 -6.54 7.84
N LEU A 2 -9.21 -6.63 6.72
CA LEU A 2 -8.60 -6.40 5.43
C LEU A 2 -8.35 -4.90 5.23
N PHE A 3 -9.42 -4.13 5.45
CA PHE A 3 -9.33 -2.70 5.31
C PHE A 3 -8.22 -2.11 6.18
N GLY A 4 -7.86 -2.86 7.21
CA GLY A 4 -6.82 -2.44 8.12
C GLY A 4 -5.44 -2.91 7.64
N ALA A 5 -5.47 -3.93 6.79
CA ALA A 5 -4.24 -4.48 6.25
C ALA A 5 -3.79 -3.63 5.05
N ILE A 6 -4.77 -3.01 4.41
CA ILE A 6 -4.49 -2.18 3.26
C ILE A 6 -3.28 -1.29 3.55
N ALA A 7 -3.29 -0.72 4.75
CA ALA A 7 -2.21 0.15 5.17
C ALA A 7 -0.87 -0.50 4.84
N GLY A 8 -0.79 -1.79 5.12
CA GLY A 8 0.42 -2.56 4.86
C GLY A 8 0.69 -2.64 3.36
N PHE A 9 -0.38 -2.61 2.59
CA PHE A 9 -0.27 -2.69 1.14
C PHE A 9 0.14 -1.35 0.55
N ILE A 10 -0.17 -0.29 1.29
CA ILE A 10 0.16 1.06 0.86
C ILE A 10 1.67 1.16 0.62
N GLU A 11 2.41 0.33 1.35
CA GLU A 11 3.86 0.32 1.23
C GLU A 11 4.26 -0.05 -0.20
N ASN A 12 3.34 -0.69 -0.90
CA ASN A 12 3.60 -1.10 -2.27
C ASN A 12 2.69 -0.30 -3.21
N ALA A 13 1.49 -0.02 -2.73
CA ALA A 13 0.53 0.74 -3.52
C ALA A 13 0.93 2.21 -3.51
N TRP A 14 1.83 2.56 -2.60
CA TRP A 14 2.29 3.92 -2.49
C TRP A 14 3.67 4.01 -3.14
N GLU A 15 4.67 3.50 -2.43
CA GLU A 15 6.03 3.52 -2.93
C GLU A 15 6.04 3.24 -4.43
N GLY A 16 5.17 2.35 -4.84
CA GLY A 16 5.07 1.97 -6.24
C GLY A 16 4.51 3.13 -7.07
N MET A 17 3.41 3.69 -6.58
CA MET A 17 2.76 4.79 -7.26
C MET A 17 3.65 6.04 -7.25
N ILE A 18 4.73 5.95 -6.48
CA ILE A 18 5.66 7.06 -6.36
C ILE A 18 6.80 6.87 -7.37
N ASP A 19 7.08 5.61 -7.67
CA ASP A 19 8.14 5.28 -8.61
C ASP A 19 7.95 3.84 -9.09
N GLY A 20 7.34 3.71 -10.26
CA GLY A 20 7.10 2.39 -10.84
C GLY A 20 6.01 2.46 -11.90
N GLY A 1 -10.33 -6.13 9.63
CA GLY A 1 -8.94 -6.54 9.67
C GLY A 1 -8.26 -6.31 8.32
N LEU A 2 -9.07 -6.35 7.27
CA LEU A 2 -8.56 -6.15 5.92
C LEU A 2 -8.28 -4.66 5.71
N PHE A 3 -9.27 -3.85 6.03
CA PHE A 3 -9.14 -2.41 5.89
C PHE A 3 -7.92 -1.89 6.65
N GLY A 4 -7.50 -2.66 7.64
CA GLY A 4 -6.35 -2.29 8.45
C GLY A 4 -5.05 -2.83 7.84
N ALA A 5 -5.20 -3.83 6.99
CA ALA A 5 -4.06 -4.44 6.33
C ALA A 5 -3.69 -3.61 5.10
N ILE A 6 -4.69 -2.94 4.55
CA ILE A 6 -4.49 -2.11 3.38
C ILE A 6 -3.22 -1.28 3.56
N ALA A 7 -3.08 -0.73 4.75
CA ALA A 7 -1.92 0.10 5.06
C ALA A 7 -0.65 -0.62 4.61
N GLY A 8 -0.62 -1.92 4.88
CA GLY A 8 0.53 -2.73 4.49
C GLY A 8 0.65 -2.82 2.97
N PHE A 9 -0.49 -2.75 2.31
CA PHE A 9 -0.52 -2.81 0.86
C PHE A 9 -0.10 -1.48 0.24
N ILE A 10 -0.29 -0.41 1.01
CA ILE A 10 0.06 0.91 0.54
C ILE A 10 1.54 0.94 0.16
N GLU A 11 2.30 0.08 0.82
CA GLU A 11 3.73 -0.01 0.56
C GLU A 11 3.98 -0.38 -0.91
N ASN A 12 2.96 -0.98 -1.52
CA ASN A 12 3.06 -1.38 -2.91
C ASN A 12 2.11 -0.54 -3.76
N ALA A 13 0.98 -0.20 -3.16
CA ALA A 13 -0.02 0.61 -3.84
C ALA A 13 0.45 2.06 -3.88
N TRP A 14 1.44 2.36 -3.06
CA TRP A 14 1.98 3.69 -2.98
C TRP A 14 3.29 3.72 -3.77
N GLU A 15 4.33 3.17 -3.16
CA GLU A 15 5.64 3.12 -3.78
C GLU A 15 5.49 2.85 -5.28
N GLY A 16 4.49 2.04 -5.62
CA GLY A 16 4.24 1.71 -7.00
C GLY A 16 3.65 2.89 -7.77
N MET A 17 2.63 3.49 -7.18
CA MET A 17 1.98 4.63 -7.79
C MET A 17 2.91 5.85 -7.81
N ILE A 18 4.02 5.71 -7.11
CA ILE A 18 5.01 6.79 -7.03
C ILE A 18 6.12 6.52 -8.04
N ASP A 19 6.34 5.25 -8.31
CA ASP A 19 7.37 4.85 -9.25
C ASP A 19 8.75 5.12 -8.63
N GLY A 20 8.96 4.56 -7.46
CA GLY A 20 10.22 4.74 -6.75
C GLY A 20 10.84 3.39 -6.40
N GLY A 1 -10.46 -6.09 9.71
CA GLY A 1 -9.07 -6.48 9.79
C GLY A 1 -8.36 -6.28 8.45
N LEU A 2 -9.14 -6.35 7.39
CA LEU A 2 -8.62 -6.19 6.04
C LEU A 2 -8.35 -4.70 5.78
N PHE A 3 -9.36 -3.90 6.08
CA PHE A 3 -9.25 -2.46 5.88
C PHE A 3 -8.05 -1.90 6.65
N GLY A 4 -7.65 -2.63 7.67
CA GLY A 4 -6.52 -2.22 8.49
C GLY A 4 -5.20 -2.75 7.92
N ALA A 5 -5.32 -3.79 7.10
CA ALA A 5 -4.15 -4.39 6.48
C ALA A 5 -3.77 -3.59 5.23
N ILE A 6 -4.78 -2.96 4.66
CA ILE A 6 -4.56 -2.16 3.45
C ILE A 6 -3.31 -1.30 3.63
N ALA A 7 -3.21 -0.71 4.82
CA ALA A 7 -2.07 0.14 5.12
C ALA A 7 -0.78 -0.57 4.72
N GLY A 8 -0.73 -1.86 5.02
CA GLY A 8 0.44 -2.66 4.70
C GLY A 8 0.60 -2.80 3.18
N PHE A 9 -0.54 -2.76 2.49
CA PHE A 9 -0.53 -2.87 1.04
C PHE A 9 -0.13 -1.55 0.39
N ILE A 10 -0.35 -0.48 1.12
CA ILE A 10 -0.01 0.85 0.62
C ILE A 10 1.48 0.89 0.27
N GLU A 11 2.24 0.06 0.95
CA GLU A 11 3.67 -0.01 0.72
C GLU A 11 3.97 -0.43 -0.71
N ASN A 12 2.97 -1.05 -1.33
CA ASN A 12 3.10 -1.50 -2.69
C ASN A 12 2.16 -0.70 -3.59
N ALA A 13 1.00 -0.36 -3.03
CA ALA A 13 0.01 0.40 -3.76
C ALA A 13 0.45 1.87 -3.83
N TRP A 14 1.43 2.20 -3.00
CA TRP A 14 1.95 3.56 -2.95
C TRP A 14 3.27 3.58 -3.72
N GLU A 15 4.31 3.06 -3.06
CA GLU A 15 5.62 3.02 -3.67
C GLU A 15 5.51 2.70 -5.17
N GLY A 16 4.63 1.76 -5.47
CA GLY A 16 4.43 1.35 -6.85
C GLY A 16 3.80 2.48 -7.66
N MET A 17 2.77 3.08 -7.09
CA MET A 17 2.07 4.17 -7.75
C MET A 17 2.97 5.41 -7.85
N ILE A 18 4.10 5.33 -7.19
CA ILE A 18 5.05 6.43 -7.19
C ILE A 18 6.11 6.19 -8.28
N ASP A 19 6.51 4.93 -8.40
CA ASP A 19 7.50 4.56 -9.40
C ASP A 19 8.59 5.62 -9.45
N GLY A 20 9.58 5.45 -8.58
CA GLY A 20 10.69 6.39 -8.52
C GLY A 20 11.60 6.08 -7.33
N GLY A 1 -10.83 -6.24 9.15
CA GLY A 1 -9.43 -6.52 9.40
C GLY A 1 -8.59 -6.35 8.13
N LEU A 2 -9.26 -6.55 6.99
CA LEU A 2 -8.60 -6.42 5.71
C LEU A 2 -8.40 -4.93 5.40
N PHE A 3 -9.47 -4.18 5.52
CA PHE A 3 -9.44 -2.76 5.25
C PHE A 3 -8.37 -2.07 6.11
N GLY A 4 -8.03 -2.73 7.21
CA GLY A 4 -7.03 -2.19 8.11
C GLY A 4 -5.63 -2.65 7.72
N ALA A 5 -5.59 -3.74 6.96
CA ALA A 5 -4.32 -4.29 6.50
C ALA A 5 -3.86 -3.55 5.26
N ILE A 6 -4.83 -3.01 4.53
CA ILE A 6 -4.54 -2.27 3.32
C ILE A 6 -3.37 -1.32 3.57
N ALA A 7 -3.43 -0.65 4.72
CA ALA A 7 -2.39 0.29 5.09
C ALA A 7 -1.02 -0.35 4.87
N GLY A 8 -0.92 -1.62 5.25
CA GLY A 8 0.32 -2.36 5.10
C GLY A 8 0.66 -2.56 3.61
N PHE A 9 -0.40 -2.63 2.81
CA PHE A 9 -0.24 -2.83 1.38
C PHE A 9 0.16 -1.51 0.69
N ILE A 10 -0.21 -0.42 1.33
CA ILE A 10 0.09 0.89 0.79
C ILE A 10 1.60 1.02 0.60
N GLU A 11 2.34 0.28 1.41
CA GLU A 11 3.79 0.31 1.34
C GLU A 11 4.26 -0.17 -0.03
N ASN A 12 3.38 -0.89 -0.71
CA ASN A 12 3.69 -1.41 -2.04
C ASN A 12 2.79 -0.72 -3.07
N ALA A 13 1.57 -0.43 -2.65
CA ALA A 13 0.61 0.22 -3.52
C ALA A 13 0.96 1.71 -3.64
N TRP A 14 1.82 2.15 -2.73
CA TRP A 14 2.24 3.53 -2.71
C TRP A 14 3.64 3.61 -3.33
N GLU A 15 4.63 3.20 -2.55
CA GLU A 15 6.00 3.22 -3.01
C GLU A 15 6.08 2.81 -4.49
N GLY A 16 5.18 1.91 -4.87
CA GLY A 16 5.13 1.43 -6.23
C GLY A 16 4.62 2.53 -7.18
N MET A 17 3.50 3.12 -6.81
CA MET A 17 2.91 4.17 -7.61
C MET A 17 3.79 5.42 -7.62
N ILE A 18 4.81 5.38 -6.78
CA ILE A 18 5.74 6.50 -6.68
C ILE A 18 6.95 6.23 -7.57
N ASP A 19 7.38 4.97 -7.57
CA ASP A 19 8.52 4.58 -8.37
C ASP A 19 8.10 4.46 -9.84
N GLY A 20 7.83 5.61 -10.44
CA GLY A 20 7.42 5.66 -11.83
C GLY A 20 6.02 6.28 -11.96
N GLY A 1 -10.77 -6.29 9.26
CA GLY A 1 -9.36 -6.57 9.48
C GLY A 1 -8.56 -6.39 8.19
N LEU A 2 -9.23 -6.57 7.08
CA LEU A 2 -8.60 -6.42 5.78
C LEU A 2 -8.40 -4.93 5.48
N PHE A 3 -9.48 -4.18 5.63
CA PHE A 3 -9.44 -2.75 5.37
C PHE A 3 -8.35 -2.08 6.22
N GLY A 4 -8.00 -2.74 7.31
CA GLY A 4 -6.97 -2.22 8.20
C GLY A 4 -5.58 -2.69 7.78
N ALA A 5 -5.56 -3.76 7.00
CA ALA A 5 -4.31 -4.32 6.52
C ALA A 5 -3.86 -3.56 5.27
N ILE A 6 -4.84 -3.01 4.57
CA ILE A 6 -4.57 -2.26 3.36
C ILE A 6 -3.40 -1.32 3.61
N ALA A 7 -3.43 -0.67 4.76
CA ALA A 7 -2.37 0.27 5.12
C ALA A 7 -1.01 -0.38 4.87
N GLY A 8 -0.92 -1.65 5.25
CA GLY A 8 0.31 -2.40 5.07
C GLY A 8 0.63 -2.59 3.58
N PHE A 9 -0.44 -2.66 2.79
CA PHE A 9 -0.30 -2.83 1.36
C PHE A 9 0.09 -1.52 0.67
N ILE A 10 -0.26 -0.43 1.33
CA ILE A 10 0.05 0.89 0.79
C ILE A 10 1.55 1.01 0.58
N GLU A 11 2.31 0.26 1.37
CA GLU A 11 3.75 0.27 1.28
C GLU A 11 4.20 -0.20 -0.10
N ASN A 12 3.30 -0.91 -0.77
CA ASN A 12 3.59 -1.42 -2.10
C ASN A 12 2.68 -0.72 -3.12
N ALA A 13 1.47 -0.42 -2.68
CA ALA A 13 0.50 0.25 -3.54
C ALA A 13 0.86 1.73 -3.65
N TRP A 14 1.73 2.16 -2.74
CA TRP A 14 2.17 3.54 -2.72
C TRP A 14 3.55 3.61 -3.37
N GLU A 15 4.55 3.19 -2.61
CA GLU A 15 5.92 3.20 -3.08
C GLU A 15 5.97 2.80 -4.56
N GLY A 16 5.06 1.91 -4.93
CA GLY A 16 4.99 1.46 -6.30
C GLY A 16 4.54 2.57 -7.24
N MET A 17 3.42 3.19 -6.89
CA MET A 17 2.88 4.27 -7.69
C MET A 17 3.76 5.52 -7.58
N ILE A 18 4.71 5.46 -6.67
CA ILE A 18 5.63 6.57 -6.47
C ILE A 18 6.89 6.35 -7.30
N ASP A 19 7.21 5.08 -7.51
CA ASP A 19 8.38 4.72 -8.29
C ASP A 19 7.97 4.43 -9.73
N GLY A 20 7.92 5.48 -10.52
CA GLY A 20 7.54 5.36 -11.92
C GLY A 20 8.23 6.42 -12.78
N GLY A 1 -10.74 -6.47 8.96
CA GLY A 1 -9.34 -6.81 9.14
C GLY A 1 -8.54 -6.55 7.86
N LEU A 2 -9.24 -6.62 6.74
CA LEU A 2 -8.62 -6.40 5.45
C LEU A 2 -8.38 -4.90 5.25
N PHE A 3 -9.44 -4.14 5.47
CA PHE A 3 -9.36 -2.70 5.33
C PHE A 3 -8.25 -2.11 6.21
N GLY A 4 -7.91 -2.86 7.24
CA GLY A 4 -6.86 -2.43 8.15
C GLY A 4 -5.48 -2.90 7.67
N ALA A 5 -5.51 -3.92 6.83
CA ALA A 5 -4.27 -4.47 6.29
C ALA A 5 -3.82 -3.63 5.10
N ILE A 6 -4.79 -3.01 4.44
CA ILE A 6 -4.52 -2.17 3.28
C ILE A 6 -3.31 -1.28 3.59
N ALA A 7 -3.32 -0.72 4.79
CA ALA A 7 -2.24 0.16 5.20
C ALA A 7 -0.89 -0.50 4.88
N GLY A 8 -0.83 -1.80 5.16
CA GLY A 8 0.38 -2.56 4.90
C GLY A 8 0.67 -2.64 3.40
N PHE A 9 -0.41 -2.63 2.63
CA PHE A 9 -0.29 -2.71 1.18
C PHE A 9 0.13 -1.36 0.59
N ILE A 10 -0.19 -0.30 1.33
CA ILE A 10 0.15 1.05 0.89
C ILE A 10 1.66 1.14 0.67
N GLU A 11 2.39 0.31 1.39
CA GLU A 11 3.83 0.30 1.27
C GLU A 11 4.25 -0.07 -0.15
N ASN A 12 3.33 -0.71 -0.85
CA ASN A 12 3.58 -1.12 -2.23
C ASN A 12 2.68 -0.33 -3.17
N ALA A 13 1.48 -0.03 -2.69
CA ALA A 13 0.53 0.72 -3.48
C ALA A 13 0.92 2.19 -3.48
N TRP A 14 1.82 2.53 -2.56
CA TRP A 14 2.28 3.90 -2.45
C TRP A 14 3.66 3.98 -3.10
N GLU A 15 4.65 3.48 -2.39
CA GLU A 15 6.02 3.49 -2.88
C GLU A 15 6.04 3.21 -4.39
N GLY A 16 5.24 2.23 -4.79
CA GLY A 16 5.16 1.85 -6.19
C GLY A 16 4.55 2.98 -7.02
N MET A 17 3.45 3.53 -6.51
CA MET A 17 2.78 4.62 -7.20
C MET A 17 3.65 5.88 -7.23
N ILE A 18 4.74 5.82 -6.49
CA ILE A 18 5.67 6.95 -6.42
C ILE A 18 6.78 6.75 -7.43
N ASP A 19 7.09 5.48 -7.69
CA ASP A 19 8.14 5.14 -8.63
C ASP A 19 7.64 4.05 -9.57
N GLY A 20 7.24 4.47 -10.76
CA GLY A 20 6.74 3.54 -11.76
C GLY A 20 7.52 2.22 -11.73
N GLY A 1 -10.93 -6.27 8.82
CA GLY A 1 -9.54 -6.58 9.10
C GLY A 1 -8.67 -6.38 7.84
N LEU A 2 -9.32 -6.54 6.69
CA LEU A 2 -8.63 -6.39 5.42
C LEU A 2 -8.40 -4.90 5.15
N PHE A 3 -9.48 -4.14 5.27
CA PHE A 3 -9.41 -2.70 5.04
C PHE A 3 -8.35 -2.05 5.93
N GLY A 4 -8.05 -2.74 7.03
CA GLY A 4 -7.06 -2.25 7.96
C GLY A 4 -5.65 -2.71 7.58
N ALA A 5 -5.61 -3.78 6.80
CA ALA A 5 -4.34 -4.34 6.36
C ALA A 5 -3.84 -3.56 5.14
N ILE A 6 -4.80 -3.00 4.40
CA ILE A 6 -4.48 -2.23 3.22
C ILE A 6 -3.30 -1.30 3.52
N ALA A 7 -3.38 -0.66 4.69
CA ALA A 7 -2.34 0.26 5.11
C ALA A 7 -0.97 -0.39 4.89
N GLY A 8 -0.89 -1.66 5.25
CA GLY A 8 0.34 -2.40 5.10
C GLY A 8 0.71 -2.57 3.61
N PHE A 9 -0.33 -2.62 2.79
CA PHE A 9 -0.14 -2.78 1.36
C PHE A 9 0.29 -1.45 0.72
N ILE A 10 -0.09 -0.36 1.37
CA ILE A 10 0.24 0.96 0.88
C ILE A 10 1.75 1.09 0.72
N GLU A 11 2.47 0.31 1.53
CA GLU A 11 3.92 0.32 1.48
C GLU A 11 4.42 -0.12 0.11
N ASN A 12 3.54 -0.82 -0.61
CA ASN A 12 3.87 -1.30 -1.93
C ASN A 12 3.00 -0.57 -2.97
N ALA A 13 1.78 -0.29 -2.57
CA ALA A 13 0.84 0.39 -3.44
C ALA A 13 1.20 1.88 -3.50
N TRP A 14 2.05 2.29 -2.56
CA TRP A 14 2.48 3.68 -2.51
C TRP A 14 3.89 3.76 -3.11
N GLU A 15 4.86 3.31 -2.31
CA GLU A 15 6.25 3.33 -2.75
C GLU A 15 6.35 2.97 -4.23
N GLY A 16 5.48 2.05 -4.64
CA GLY A 16 5.45 1.61 -6.03
C GLY A 16 4.81 2.67 -6.92
N MET A 17 3.66 3.16 -6.47
CA MET A 17 2.94 4.17 -7.22
C MET A 17 3.72 5.48 -7.27
N ILE A 18 4.79 5.53 -6.49
CA ILE A 18 5.62 6.72 -6.43
C ILE A 18 6.72 6.63 -7.50
N ASP A 19 7.11 5.39 -7.79
CA ASP A 19 8.14 5.15 -8.77
C ASP A 19 7.58 4.24 -9.87
N GLY A 20 6.60 4.75 -10.59
CA GLY A 20 5.98 3.99 -11.65
C GLY A 20 5.48 4.92 -12.77
N GLY A 1 -10.80 -6.39 9.00
CA GLY A 1 -9.40 -6.74 9.19
C GLY A 1 -8.60 -6.51 7.91
N LEU A 2 -9.30 -6.60 6.79
CA LEU A 2 -8.67 -6.39 5.50
C LEU A 2 -8.42 -4.90 5.29
N PHE A 3 -9.47 -4.12 5.50
CA PHE A 3 -9.38 -2.67 5.34
C PHE A 3 -8.26 -2.10 6.20
N GLY A 4 -7.91 -2.84 7.25
CA GLY A 4 -6.87 -2.41 8.16
C GLY A 4 -5.50 -2.91 7.69
N ALA A 5 -5.52 -3.93 6.85
CA ALA A 5 -4.29 -4.50 6.32
C ALA A 5 -3.83 -3.67 5.12
N ILE A 6 -4.81 -3.05 4.46
CA ILE A 6 -4.51 -2.22 3.30
C ILE A 6 -3.31 -1.33 3.60
N ALA A 7 -3.31 -0.76 4.79
CA ALA A 7 -2.22 0.11 5.21
C ALA A 7 -0.89 -0.56 4.88
N GLY A 8 -0.83 -1.86 5.16
CA GLY A 8 0.37 -2.62 4.91
C GLY A 8 0.67 -2.70 3.40
N PHE A 9 -0.40 -2.69 2.62
CA PHE A 9 -0.27 -2.75 1.18
C PHE A 9 0.14 -1.40 0.60
N ILE A 10 -0.18 -0.35 1.34
CA ILE A 10 0.14 1.00 0.91
C ILE A 10 1.65 1.11 0.69
N GLU A 11 2.38 0.28 1.42
CA GLU A 11 3.83 0.27 1.31
C GLU A 11 4.25 -0.09 -0.11
N ASN A 12 3.34 -0.73 -0.82
CA ASN A 12 3.60 -1.14 -2.20
C ASN A 12 2.71 -0.33 -3.14
N ALA A 13 1.50 -0.06 -2.67
CA ALA A 13 0.54 0.69 -3.46
C ALA A 13 0.93 2.17 -3.45
N TRP A 14 1.82 2.51 -2.53
CA TRP A 14 2.28 3.88 -2.40
C TRP A 14 3.66 3.98 -3.05
N GLU A 15 4.65 3.48 -2.33
CA GLU A 15 6.02 3.49 -2.82
C GLU A 15 6.05 3.22 -4.33
N GLY A 16 5.25 2.25 -4.73
CA GLY A 16 5.17 1.88 -6.13
C GLY A 16 4.52 2.99 -6.96
N MET A 17 3.42 3.51 -6.44
CA MET A 17 2.70 4.58 -7.11
C MET A 17 3.53 5.85 -7.16
N ILE A 18 4.64 5.83 -6.43
CA ILE A 18 5.53 6.98 -6.38
C ILE A 18 6.59 6.86 -7.47
N ASP A 19 6.89 5.61 -7.81
CA ASP A 19 7.89 5.34 -8.84
C ASP A 19 7.27 4.43 -9.91
N GLY A 20 8.15 3.72 -10.61
CA GLY A 20 7.71 2.82 -11.66
C GLY A 20 7.41 3.58 -12.95
N GLY A 1 -10.45 -5.99 9.74
CA GLY A 1 -9.05 -6.40 9.83
C GLY A 1 -8.35 -6.22 8.48
N LEU A 2 -9.13 -6.32 7.42
CA LEU A 2 -8.60 -6.18 6.07
C LEU A 2 -8.33 -4.70 5.79
N PHE A 3 -9.34 -3.88 6.06
CA PHE A 3 -9.22 -2.45 5.84
C PHE A 3 -8.03 -1.87 6.60
N GLY A 4 -7.62 -2.60 7.63
CA GLY A 4 -6.50 -2.17 8.45
C GLY A 4 -5.18 -2.72 7.88
N ALA A 5 -5.30 -3.76 7.09
CA ALA A 5 -4.13 -4.38 6.48
C ALA A 5 -3.75 -3.61 5.22
N ILE A 6 -4.75 -2.97 4.63
CA ILE A 6 -4.53 -2.20 3.42
C ILE A 6 -3.27 -1.34 3.59
N ALA A 7 -3.17 -0.73 4.76
CA ALA A 7 -2.03 0.13 5.06
C ALA A 7 -0.74 -0.59 4.66
N GLY A 8 -0.70 -1.88 4.97
CA GLY A 8 0.47 -2.69 4.64
C GLY A 8 0.63 -2.83 3.14
N PHE A 9 -0.50 -2.80 2.43
CA PHE A 9 -0.48 -2.93 0.99
C PHE A 9 -0.09 -1.60 0.33
N ILE A 10 -0.32 -0.53 1.06
CA ILE A 10 0.00 0.80 0.56
C ILE A 10 1.49 0.86 0.22
N GLU A 11 2.26 0.03 0.92
CA GLU A 11 3.70 -0.02 0.69
C GLU A 11 3.99 -0.44 -0.74
N ASN A 12 3.01 -1.07 -1.35
CA ASN A 12 3.16 -1.53 -2.73
C ASN A 12 2.21 -0.74 -3.64
N ALA A 13 1.05 -0.41 -3.08
CA ALA A 13 0.05 0.35 -3.82
C ALA A 13 0.48 1.81 -3.88
N TRP A 14 1.44 2.15 -3.05
CA TRP A 14 1.95 3.52 -3.00
C TRP A 14 3.28 3.55 -3.77
N GLU A 15 4.31 3.05 -3.11
CA GLU A 15 5.64 3.01 -3.70
C GLU A 15 5.54 2.69 -5.20
N GLY A 16 4.54 1.89 -5.53
CA GLY A 16 4.33 1.50 -6.91
C GLY A 16 3.76 2.66 -7.73
N MET A 17 2.71 3.26 -7.20
CA MET A 17 2.06 4.39 -7.87
C MET A 17 2.99 5.60 -7.91
N ILE A 18 4.10 5.49 -7.19
CA ILE A 18 5.08 6.56 -7.13
C ILE A 18 6.19 6.29 -8.16
N ASP A 19 6.40 5.01 -8.41
CA ASP A 19 7.43 4.61 -9.36
C ASP A 19 8.70 5.41 -9.10
N GLY A 20 9.10 5.44 -7.83
CA GLY A 20 10.29 6.15 -7.43
C GLY A 20 11.55 5.39 -7.82
N GLY A 1 -10.87 -6.19 8.98
CA GLY A 1 -9.48 -6.49 9.24
C GLY A 1 -8.63 -6.32 7.98
N LEU A 2 -9.28 -6.50 6.84
CA LEU A 2 -8.60 -6.36 5.55
C LEU A 2 -8.38 -4.88 5.25
N PHE A 3 -9.45 -4.11 5.38
CA PHE A 3 -9.39 -2.69 5.12
C PHE A 3 -8.33 -2.02 5.99
N GLY A 4 -8.00 -2.68 7.09
CA GLY A 4 -7.00 -2.17 8.02
C GLY A 4 -5.61 -2.65 7.62
N ALA A 5 -5.58 -3.73 6.86
CA ALA A 5 -4.31 -4.30 6.41
C ALA A 5 -3.83 -3.54 5.17
N ILE A 6 -4.78 -2.99 4.45
CA ILE A 6 -4.48 -2.23 3.25
C ILE A 6 -3.30 -1.30 3.52
N ALA A 7 -3.36 -0.64 4.67
CA ALA A 7 -2.32 0.28 5.07
C ALA A 7 -0.95 -0.38 4.85
N GLY A 8 -0.86 -1.64 5.23
CA GLY A 8 0.37 -2.39 5.08
C GLY A 8 0.71 -2.58 3.59
N PHE A 9 -0.33 -2.64 2.78
CA PHE A 9 -0.16 -2.82 1.35
C PHE A 9 0.26 -1.50 0.68
N ILE A 10 -0.10 -0.41 1.32
CA ILE A 10 0.22 0.90 0.81
C ILE A 10 1.73 1.02 0.62
N GLU A 11 2.45 0.24 1.43
CA GLU A 11 3.91 0.25 1.36
C GLU A 11 4.38 -0.19 -0.03
N ASN A 12 3.50 -0.90 -0.72
CA ASN A 12 3.81 -1.38 -2.06
C ASN A 12 2.91 -0.68 -3.08
N ALA A 13 1.69 -0.40 -2.64
CA ALA A 13 0.72 0.26 -3.49
C ALA A 13 1.07 1.76 -3.59
N TRP A 14 1.92 2.19 -2.68
CA TRP A 14 2.35 3.58 -2.66
C TRP A 14 3.74 3.66 -3.28
N GLU A 15 4.73 3.25 -2.51
CA GLU A 15 6.10 3.27 -2.97
C GLU A 15 6.17 2.88 -4.46
N GLY A 16 5.28 1.99 -4.84
CA GLY A 16 5.22 1.52 -6.21
C GLY A 16 4.68 2.61 -7.14
N MET A 17 3.51 3.13 -6.76
CA MET A 17 2.88 4.17 -7.54
C MET A 17 3.69 5.47 -7.51
N ILE A 18 4.70 5.47 -6.65
CA ILE A 18 5.55 6.62 -6.50
C ILE A 18 6.83 6.42 -7.32
N ASP A 19 7.21 5.16 -7.46
CA ASP A 19 8.40 4.82 -8.22
C ASP A 19 8.15 5.12 -9.71
N GLY A 20 6.89 5.09 -10.09
CA GLY A 20 6.51 5.35 -11.46
C GLY A 20 5.46 4.35 -11.95
N GLY A 1 -10.70 -6.42 9.14
CA GLY A 1 -9.29 -6.74 9.33
C GLY A 1 -8.50 -6.52 8.03
N LEU A 2 -9.20 -6.65 6.92
CA LEU A 2 -8.57 -6.46 5.63
C LEU A 2 -8.35 -4.97 5.38
N PHE A 3 -9.42 -4.20 5.57
CA PHE A 3 -9.34 -2.77 5.38
C PHE A 3 -8.23 -2.15 6.23
N GLY A 4 -7.87 -2.86 7.29
CA GLY A 4 -6.83 -2.40 8.19
C GLY A 4 -5.45 -2.86 7.72
N ALA A 5 -5.46 -3.91 6.91
CA ALA A 5 -4.23 -4.47 6.39
C ALA A 5 -3.79 -3.66 5.16
N ILE A 6 -4.77 -3.07 4.50
CA ILE A 6 -4.50 -2.27 3.32
C ILE A 6 -3.31 -1.35 3.59
N ALA A 7 -3.32 -0.76 4.78
CA ALA A 7 -2.25 0.14 5.17
C ALA A 7 -0.90 -0.51 4.84
N GLY A 8 -0.80 -1.79 5.15
CA GLY A 8 0.42 -2.53 4.89
C GLY A 8 0.69 -2.64 3.39
N PHE A 9 -0.40 -2.66 2.63
CA PHE A 9 -0.30 -2.76 1.18
C PHE A 9 0.08 -1.41 0.57
N ILE A 10 -0.24 -0.35 1.28
CA ILE A 10 0.06 0.99 0.82
C ILE A 10 1.56 1.12 0.57
N GLU A 11 2.32 0.31 1.30
CA GLU A 11 3.77 0.32 1.17
C GLU A 11 4.17 -0.06 -0.26
N ASN A 12 3.25 -0.73 -0.94
CA ASN A 12 3.50 -1.17 -2.31
C ASN A 12 2.57 -0.39 -3.25
N ALA A 13 1.37 -0.12 -2.76
CA ALA A 13 0.39 0.60 -3.55
C ALA A 13 0.76 2.09 -3.58
N TRP A 14 1.66 2.46 -2.68
CA TRP A 14 2.10 3.84 -2.59
C TRP A 14 3.47 3.93 -3.28
N GLU A 15 4.48 3.46 -2.56
CA GLU A 15 5.84 3.49 -3.08
C GLU A 15 5.84 3.18 -4.58
N GLY A 16 4.91 2.32 -4.97
CA GLY A 16 4.80 1.94 -6.37
C GLY A 16 4.47 3.16 -7.25
N MET A 17 3.37 3.81 -6.91
CA MET A 17 2.94 4.99 -7.64
C MET A 17 3.92 6.15 -7.45
N ILE A 18 4.85 5.95 -6.54
CA ILE A 18 5.84 6.97 -6.24
C ILE A 18 7.06 6.76 -7.15
N ASP A 19 7.29 5.50 -7.49
CA ASP A 19 8.42 5.15 -8.34
C ASP A 19 8.02 3.98 -9.24
N GLY A 20 7.30 4.31 -10.30
CA GLY A 20 6.86 3.30 -11.25
C GLY A 20 8.04 2.51 -11.81
N GLY A 1 -10.66 -6.39 9.17
CA GLY A 1 -9.26 -6.73 9.33
C GLY A 1 -8.48 -6.50 8.03
N LEU A 2 -9.20 -6.60 6.93
CA LEU A 2 -8.59 -6.41 5.61
C LEU A 2 -8.35 -4.91 5.39
N PHE A 3 -9.41 -4.14 5.61
CA PHE A 3 -9.33 -2.71 5.43
C PHE A 3 -8.20 -2.11 6.28
N GLY A 4 -7.83 -2.83 7.31
CA GLY A 4 -6.78 -2.39 8.20
C GLY A 4 -5.41 -2.85 7.71
N ALA A 5 -5.44 -3.90 6.89
CA ALA A 5 -4.22 -4.46 6.34
C ALA A 5 -3.79 -3.63 5.13
N ILE A 6 -4.77 -3.03 4.48
CA ILE A 6 -4.52 -2.21 3.30
C ILE A 6 -3.31 -1.31 3.57
N ALA A 7 -3.30 -0.73 4.76
CA ALA A 7 -2.22 0.15 5.16
C ALA A 7 -0.88 -0.50 4.81
N GLY A 8 -0.80 -1.78 5.11
CA GLY A 8 0.41 -2.54 4.84
C GLY A 8 0.68 -2.64 3.33
N PHE A 9 -0.42 -2.64 2.58
CA PHE A 9 -0.32 -2.74 1.13
C PHE A 9 0.07 -1.39 0.52
N ILE A 10 -0.24 -0.33 1.25
CA ILE A 10 0.08 1.01 0.79
C ILE A 10 1.58 1.12 0.54
N GLU A 11 2.33 0.31 1.26
CA GLU A 11 3.78 0.30 1.11
C GLU A 11 4.17 -0.09 -0.32
N ASN A 12 3.24 -0.75 -1.00
CA ASN A 12 3.47 -1.18 -2.35
C ASN A 12 2.55 -0.39 -3.30
N ALA A 13 1.35 -0.11 -2.81
CA ALA A 13 0.38 0.63 -3.59
C ALA A 13 0.76 2.11 -3.61
N TRP A 14 1.67 2.47 -2.71
CA TRP A 14 2.13 3.84 -2.62
C TRP A 14 3.50 3.92 -3.31
N GLU A 15 4.51 3.44 -2.61
CA GLU A 15 5.86 3.45 -3.13
C GLU A 15 5.85 3.16 -4.63
N GLY A 16 5.04 2.18 -5.00
CA GLY A 16 4.93 1.79 -6.40
C GLY A 16 4.48 2.96 -7.26
N MET A 17 3.39 3.59 -6.83
CA MET A 17 2.86 4.73 -7.56
C MET A 17 3.75 5.97 -7.40
N ILE A 18 4.68 5.86 -6.45
CA ILE A 18 5.60 6.96 -6.19
C ILE A 18 6.85 6.77 -7.05
N ASP A 19 7.15 5.51 -7.34
CA ASP A 19 8.32 5.19 -8.14
C ASP A 19 7.95 4.10 -9.16
N GLY A 20 7.50 4.55 -10.32
CA GLY A 20 7.11 3.62 -11.38
C GLY A 20 8.05 2.41 -11.42
N GLY A 1 -10.70 -6.40 9.28
CA GLY A 1 -9.30 -6.72 9.46
C GLY A 1 -8.52 -6.51 8.17
N LEU A 2 -9.23 -6.64 7.05
CA LEU A 2 -8.61 -6.47 5.75
C LEU A 2 -8.40 -4.97 5.49
N PHE A 3 -9.47 -4.21 5.68
CA PHE A 3 -9.40 -2.78 5.48
C PHE A 3 -8.29 -2.14 6.32
N GLY A 4 -7.92 -2.85 7.37
CA GLY A 4 -6.87 -2.36 8.27
C GLY A 4 -5.50 -2.84 7.80
N ALA A 5 -5.51 -3.89 6.99
CA ALA A 5 -4.27 -4.44 6.47
C ALA A 5 -3.84 -3.64 5.24
N ILE A 6 -4.83 -3.06 4.57
CA ILE A 6 -4.58 -2.26 3.38
C ILE A 6 -3.38 -1.34 3.64
N ALA A 7 -3.40 -0.73 4.82
CA ALA A 7 -2.33 0.17 5.20
C ALA A 7 -0.98 -0.47 4.88
N GLY A 8 -0.88 -1.75 5.21
CA GLY A 8 0.35 -2.50 4.97
C GLY A 8 0.61 -2.64 3.48
N PHE A 9 -0.46 -2.66 2.71
CA PHE A 9 -0.36 -2.80 1.27
C PHE A 9 0.03 -1.46 0.63
N ILE A 10 -0.30 -0.39 1.32
CA ILE A 10 0.00 0.95 0.84
C ILE A 10 1.51 1.07 0.59
N GLU A 11 2.26 0.28 1.35
CA GLU A 11 3.71 0.29 1.21
C GLU A 11 4.12 -0.13 -0.20
N ASN A 12 3.20 -0.81 -0.87
CA ASN A 12 3.45 -1.27 -2.23
C ASN A 12 2.53 -0.52 -3.19
N ALA A 13 1.33 -0.24 -2.72
CA ALA A 13 0.36 0.47 -3.53
C ALA A 13 0.72 1.94 -3.58
N TRP A 14 1.62 2.34 -2.69
CA TRP A 14 2.06 3.72 -2.63
C TRP A 14 3.44 3.80 -3.30
N GLU A 15 4.44 3.35 -2.57
CA GLU A 15 5.80 3.36 -3.08
C GLU A 15 5.82 3.03 -4.57
N GLY A 16 4.88 2.16 -4.96
CA GLY A 16 4.78 1.75 -6.35
C GLY A 16 4.45 2.94 -7.25
N MET A 17 3.33 3.59 -6.93
CA MET A 17 2.89 4.73 -7.70
C MET A 17 3.85 5.92 -7.53
N ILE A 18 4.78 5.75 -6.60
CA ILE A 18 5.75 6.78 -6.33
C ILE A 18 6.97 6.58 -7.23
N ASP A 19 7.27 5.31 -7.49
CA ASP A 19 8.40 4.97 -8.33
C ASP A 19 7.90 4.53 -9.70
N GLY A 20 8.84 4.33 -10.61
CA GLY A 20 8.50 3.91 -11.96
C GLY A 20 7.67 4.98 -12.67
#